data_6ELC
#
_entry.id   6ELC
#
_cell.length_a   129.854
_cell.length_b   129.854
_cell.length_c   129.854
_cell.angle_alpha   90.00
_cell.angle_beta   90.00
_cell.angle_gamma   90.00
#
_symmetry.space_group_name_H-M   'I 21 3'
#
loop_
_entity.id
_entity.type
_entity.pdbx_description
1 polymer 'Variant surface glycoprotein'
2 branched alpha-D-mannopyranose-(1-6)-beta-D-mannopyranose-(1-4)-2-acetamido-2-deoxy-beta-D-glucopyranose-(1-4)-2-acetamido-2-deoxy-beta-D-glucopyranose
3 non-polymer alpha-D-glucopyranose
4 water water
#
_entity_poly.entity_id   1
_entity_poly.type   'polypeptide(L)'
_entity_poly.pdbx_seq_one_letter_code
;MQAAALLLLVLRAITSIEAAADDVNPDDNKEDFAVLCALAALANLQTTVPSIDTSGLAAYDNLQQLNLSLSSKEWKSLFN
KAADSNGSPKQPPEGFQSDPTWRKQWPIWVTAAAALKAENKEAAVLARAGLTNAPEELRNRARLALIPLLAQAEQIRDRL
SEIQKQNEDTTPTAIAKALNKAVYGQDKETGAVYNSADCFSGNVADSTQNSCKAGNQASKATTVAATIVCVCHKKNGGND
AANACGRLINHQSDAGANLATASSDFGDIIATCAARPPKPLTAAYLDSALAAVSARIRFKNGNGYLGKFKATGCTGSASE
GLCVEYTALTAATMQNFYKIPWVKEISNVAEALKRTEKDAAESTLLSTWLKASENQGNSVAQKLIKVGDSKAVPPAQRQT
QNKPGSNCNKNLKKSECKDSDGCKWNRTEETEGDFCKPKETGTENPAAGTGEGAAGANTETKKCSDKKTEGDCKDGCKWD
GKECKDSSILATKKFALTVVSAAFVALLF
;
_entity_poly.pdbx_strand_id   A
#
# COMPACT_ATOMS: atom_id res chain seq x y z
N ALA A 20 10.94 39.73 -20.35
CA ALA A 20 11.38 38.50 -19.78
C ALA A 20 10.60 38.00 -18.62
N ALA A 21 9.56 38.69 -18.09
CA ALA A 21 8.65 38.02 -17.14
C ALA A 21 7.99 36.78 -17.70
N ASP A 22 7.87 36.71 -19.03
CA ASP A 22 7.30 35.55 -19.74
C ASP A 22 8.29 34.43 -19.99
N ASP A 23 9.59 34.70 -19.85
CA ASP A 23 10.61 33.68 -19.83
C ASP A 23 10.59 32.97 -18.48
N VAL A 24 11.35 31.88 -18.37
CA VAL A 24 11.51 31.17 -17.10
C VAL A 24 12.60 31.81 -16.26
N ASN A 25 12.18 32.40 -15.15
CA ASN A 25 12.98 33.13 -14.21
C ASN A 25 13.08 32.37 -12.88
N PRO A 26 14.06 32.76 -12.02
CA PRO A 26 14.11 32.20 -10.67
C PRO A 26 12.72 32.35 -9.97
N ASP A 27 12.35 31.28 -9.30
CA ASP A 27 11.04 31.12 -8.63
C ASP A 27 9.84 30.88 -9.49
N ASP A 28 9.94 30.94 -10.80
CA ASP A 28 8.73 30.75 -11.62
C ASP A 28 8.08 29.38 -11.42
N ASN A 29 8.88 28.36 -11.04
CA ASN A 29 8.35 27.01 -10.74
C ASN A 29 8.38 26.64 -9.27
N LYS A 30 8.48 27.63 -8.39
CA LYS A 30 8.57 27.39 -6.97
C LYS A 30 7.35 26.65 -6.39
N GLU A 31 6.16 27.07 -6.81
CA GLU A 31 4.95 26.43 -6.28
C GLU A 31 4.75 25.04 -6.82
N ASP A 32 5.07 24.83 -8.08
CA ASP A 32 5.11 23.44 -8.63
C ASP A 32 6.08 22.57 -7.83
N PHE A 33 7.25 23.14 -7.50
CA PHE A 33 8.25 22.41 -6.75
C PHE A 33 7.77 21.97 -5.37
N ALA A 34 7.00 22.83 -4.70
CA ALA A 34 6.51 22.41 -3.36
C ALA A 34 5.67 21.14 -3.47
N VAL A 35 4.83 21.05 -4.49
CA VAL A 35 3.99 19.86 -4.65
C VAL A 35 4.86 18.64 -5.03
N LEU A 36 5.83 18.86 -5.89
CA LEU A 36 6.75 17.81 -6.27
C LEU A 36 7.66 17.31 -5.13
N CYS A 37 8.04 18.21 -4.26
CA CYS A 37 8.80 17.88 -3.09
C CYS A 37 8.00 16.95 -2.18
N ALA A 38 6.73 17.29 -1.95
CA ALA A 38 5.86 16.43 -1.14
C ALA A 38 5.82 14.98 -1.72
N LEU A 39 5.74 14.89 -3.05
CA LEU A 39 5.73 13.57 -3.71
C LEU A 39 7.06 12.87 -3.60
N ALA A 40 8.16 13.63 -3.76
CA ALA A 40 9.49 13.00 -3.72
C ALA A 40 9.79 12.42 -2.35
N ALA A 41 9.15 12.97 -1.30
CA ALA A 41 9.29 12.50 0.07
C ALA A 41 8.64 11.16 0.35
N LEU A 42 7.98 10.60 -0.67
CA LEU A 42 7.46 9.26 -0.59
C LEU A 42 8.54 8.19 -0.86
N ALA A 43 9.73 8.59 -1.30
CA ALA A 43 10.83 7.67 -1.48
C ALA A 43 11.40 7.13 -0.17
N ASN A 44 11.83 5.87 -0.21
CA ASN A 44 12.47 5.21 0.91
C ASN A 44 11.64 5.36 2.19
N LEU A 45 10.33 5.19 2.03
CA LEU A 45 9.40 5.43 3.11
C LEU A 45 9.36 4.31 4.09
N GLN A 46 9.26 4.66 5.36
CA GLN A 46 9.11 3.63 6.42
C GLN A 46 7.81 3.99 7.14
N THR A 47 6.70 3.43 6.70
CA THR A 47 5.40 3.66 7.32
C THR A 47 4.86 2.39 7.97
N THR A 48 3.98 2.58 8.93
CA THR A 48 3.16 1.47 9.39
C THR A 48 1.93 1.49 8.53
N VAL A 49 1.31 0.33 8.45
CA VAL A 49 0.06 0.14 7.74
C VAL A 49 -1.06 -0.17 8.74
N PRO A 50 -2.31 0.15 8.40
CA PRO A 50 -3.38 -0.31 9.28
C PRO A 50 -3.40 -1.84 9.62
N SER A 51 -3.40 -2.17 10.90
CA SER A 51 -3.30 -3.54 11.42
C SER A 51 -4.65 -4.31 11.24
N ILE A 52 -4.66 -5.44 10.55
CA ILE A 52 -5.78 -6.39 10.61
C ILE A 52 -5.64 -7.10 11.91
N ASP A 53 -6.65 -6.92 12.73
CA ASP A 53 -6.64 -7.50 14.09
C ASP A 53 -7.12 -8.93 13.90
N THR A 54 -6.20 -9.88 14.01
CA THR A 54 -6.48 -11.30 13.84
C THR A 54 -6.55 -12.09 15.12
N SER A 55 -6.68 -11.42 16.26
CA SER A 55 -6.81 -12.10 17.54
C SER A 55 -8.04 -12.98 17.61
N GLY A 56 -9.07 -12.64 16.83
CA GLY A 56 -10.27 -13.46 16.78
C GLY A 56 -10.04 -14.85 16.25
N LEU A 57 -9.05 -15.03 15.39
CA LEU A 57 -8.75 -16.33 14.80
C LEU A 57 -8.29 -17.29 15.88
N ALA A 58 -7.45 -16.84 16.80
CA ALA A 58 -7.03 -17.67 17.92
C ALA A 58 -8.20 -18.04 18.84
N ALA A 59 -9.09 -17.08 19.05
CA ALA A 59 -10.26 -17.29 19.87
C ALA A 59 -11.16 -18.40 19.30
N TYR A 60 -11.38 -18.32 18.00
CA TYR A 60 -12.12 -19.36 17.28
C TYR A 60 -11.43 -20.72 17.36
N ASP A 61 -10.11 -20.75 17.16
CA ASP A 61 -9.36 -21.98 17.33
C ASP A 61 -9.55 -22.55 18.73
N ASN A 62 -9.58 -21.68 19.73
CA ASN A 62 -9.80 -22.16 21.10
C ASN A 62 -11.17 -22.83 21.28
N LEU A 63 -12.20 -22.22 20.65
CA LEU A 63 -13.51 -22.82 20.62
C LEU A 63 -13.55 -24.18 19.92
N GLN A 64 -12.83 -24.26 18.82
CA GLN A 64 -12.74 -25.54 18.08
C GLN A 64 -12.06 -26.62 18.95
N GLN A 65 -11.03 -26.22 19.69
CA GLN A 65 -10.35 -27.13 20.58
C GLN A 65 -11.25 -27.60 21.72
N LEU A 66 -12.04 -26.69 22.27
CA LEU A 66 -12.99 -27.09 23.31
C LEU A 66 -14.01 -28.09 22.72
N ASN A 67 -14.53 -27.78 21.54
CA ASN A 67 -15.50 -28.66 20.95
C ASN A 67 -14.95 -30.07 20.73
N LEU A 68 -13.72 -30.12 20.20
CA LEU A 68 -13.06 -31.40 19.96
C LEU A 68 -12.80 -32.15 21.27
N SER A 69 -12.28 -31.44 22.28
CA SER A 69 -12.06 -32.06 23.59
C SER A 69 -13.31 -32.75 24.13
N LEU A 70 -14.47 -32.14 23.93
CA LEU A 70 -15.70 -32.63 24.46
C LEU A 70 -16.38 -33.68 23.62
N SER A 71 -15.74 -34.07 22.49
CA SER A 71 -16.30 -35.05 21.60
C SER A 71 -15.99 -36.48 22.07
N SER A 72 -16.71 -37.41 21.45
CA SER A 72 -16.64 -38.86 21.77
C SER A 72 -15.28 -39.41 21.32
N LYS A 73 -14.89 -40.54 21.91
CA LYS A 73 -13.63 -41.19 21.55
C LYS A 73 -13.66 -41.65 20.07
N GLU A 74 -14.86 -41.95 19.57
CA GLU A 74 -15.05 -42.30 18.17
C GLU A 74 -14.73 -41.11 17.27
N TRP A 75 -15.21 -39.92 17.61
CA TRP A 75 -14.96 -38.72 16.81
C TRP A 75 -13.46 -38.31 16.85
N LYS A 76 -12.89 -38.39 18.04
CA LYS A 76 -11.48 -38.04 18.25
C LYS A 76 -10.62 -39.02 17.42
N SER A 77 -10.98 -40.31 17.40
CA SER A 77 -10.18 -41.32 16.65
C SER A 77 -9.86 -40.93 15.21
N LEU A 78 -10.71 -40.09 14.61
CA LEU A 78 -10.55 -39.67 13.22
C LEU A 78 -9.26 -38.89 12.91
N PHE A 79 -8.69 -38.26 13.92
CA PHE A 79 -7.55 -37.36 13.75
C PHE A 79 -6.29 -38.03 14.23
N GLN A 91 -6.76 -35.50 4.73
CA GLN A 91 -7.96 -36.06 4.09
C GLN A 91 -9.13 -36.53 4.98
N PRO A 92 -10.37 -36.04 4.76
CA PRO A 92 -11.47 -36.77 5.50
C PRO A 92 -11.56 -38.30 5.17
N PRO A 93 -12.15 -39.12 6.07
CA PRO A 93 -12.14 -40.59 5.90
C PRO A 93 -13.12 -41.04 4.86
N GLU A 94 -12.90 -42.25 4.34
CA GLU A 94 -13.76 -42.83 3.28
C GLU A 94 -15.23 -42.70 3.70
N GLY A 95 -16.04 -42.12 2.81
CA GLY A 95 -17.45 -41.89 3.12
C GLY A 95 -17.79 -40.44 3.32
N PHE A 96 -16.81 -39.66 3.77
CA PHE A 96 -17.02 -38.22 3.99
C PHE A 96 -16.13 -37.30 3.17
N GLN A 97 -15.32 -37.94 2.32
CA GLN A 97 -14.35 -37.26 1.48
C GLN A 97 -15.01 -36.21 0.61
N SER A 98 -16.29 -36.44 0.27
CA SER A 98 -17.04 -35.59 -0.62
C SER A 98 -18.09 -34.68 0.06
N ASP A 99 -18.28 -34.86 1.36
CA ASP A 99 -19.24 -34.07 2.16
C ASP A 99 -18.73 -32.65 2.29
N PRO A 100 -19.45 -31.63 1.78
CA PRO A 100 -18.99 -30.26 1.70
C PRO A 100 -18.58 -29.68 3.05
N THR A 101 -19.32 -30.03 4.10
CA THR A 101 -18.98 -29.64 5.48
C THR A 101 -17.68 -30.30 5.95
N TRP A 102 -17.50 -31.60 5.69
CA TRP A 102 -16.28 -32.21 6.13
C TRP A 102 -15.09 -31.65 5.35
N ARG A 103 -15.24 -31.45 4.06
CA ARG A 103 -14.15 -30.84 3.25
C ARG A 103 -13.70 -29.45 3.72
N LYS A 104 -14.66 -28.60 4.08
CA LYS A 104 -14.34 -27.24 4.62
C LYS A 104 -13.75 -27.31 6.03
N GLN A 105 -14.28 -28.20 6.89
CA GLN A 105 -13.90 -28.19 8.28
C GLN A 105 -12.64 -28.96 8.53
N TRP A 106 -12.33 -29.94 7.69
CA TRP A 106 -11.13 -30.77 7.94
C TRP A 106 -9.84 -30.00 8.40
N PRO A 107 -9.36 -28.95 7.66
CA PRO A 107 -8.11 -28.28 8.12
C PRO A 107 -8.23 -27.62 9.49
N ILE A 108 -9.43 -27.15 9.79
CA ILE A 108 -9.72 -26.51 11.04
C ILE A 108 -9.67 -27.52 12.16
N TRP A 109 -10.35 -28.66 11.97
CA TRP A 109 -10.34 -29.75 12.93
C TRP A 109 -8.93 -30.30 13.12
N VAL A 110 -8.18 -30.45 12.01
CA VAL A 110 -6.81 -30.96 12.06
C VAL A 110 -5.90 -30.04 12.87
N THR A 111 -6.09 -28.72 12.72
CA THR A 111 -5.29 -27.78 13.46
C THR A 111 -5.68 -27.90 14.93
N ALA A 112 -6.96 -28.03 15.23
CA ALA A 112 -7.41 -28.18 16.62
C ALA A 112 -6.84 -29.44 17.27
N ALA A 113 -6.90 -30.55 16.56
CA ALA A 113 -6.35 -31.78 17.10
C ALA A 113 -4.86 -31.71 17.35
N ALA A 114 -4.17 -31.03 16.46
CA ALA A 114 -2.73 -30.89 16.64
C ALA A 114 -2.41 -30.03 17.84
N ALA A 115 -3.09 -28.89 17.92
CA ALA A 115 -2.89 -28.02 19.06
C ALA A 115 -3.20 -28.73 20.37
N LEU A 116 -4.29 -29.53 20.42
CA LEU A 116 -4.66 -30.27 21.65
C LEU A 116 -3.69 -31.30 22.16
N LYS A 117 -2.86 -31.83 21.30
CA LYS A 117 -1.86 -32.85 21.64
C LYS A 117 -0.74 -32.28 22.48
N ALA A 118 -0.55 -30.96 22.43
CA ALA A 118 0.58 -30.34 23.13
C ALA A 118 0.41 -30.50 24.63
N GLU A 119 1.53 -30.67 25.34
CA GLU A 119 1.52 -30.93 26.75
C GLU A 119 0.65 -29.95 27.52
N ASN A 120 -0.26 -30.48 28.35
CA ASN A 120 -1.21 -29.75 29.18
C ASN A 120 -2.23 -28.90 28.45
N LYS A 121 -2.25 -28.91 27.11
CA LYS A 121 -3.15 -28.00 26.41
C LYS A 121 -4.63 -28.37 26.60
N GLU A 122 -4.96 -29.67 26.50
CA GLU A 122 -6.35 -30.10 26.73
C GLU A 122 -6.83 -29.81 28.16
N ALA A 123 -5.96 -30.06 29.14
CA ALA A 123 -6.31 -29.74 30.51
C ALA A 123 -6.63 -28.26 30.66
N ALA A 124 -5.79 -27.40 30.08
CA ALA A 124 -5.99 -25.94 30.13
C ALA A 124 -7.32 -25.49 29.47
N VAL A 125 -7.63 -26.10 28.33
CA VAL A 125 -8.86 -25.83 27.60
C VAL A 125 -10.06 -26.19 28.49
N LEU A 126 -10.02 -27.40 29.05
CA LEU A 126 -11.11 -27.81 29.90
C LEU A 126 -11.25 -26.96 31.19
N ALA A 127 -10.12 -26.61 31.80
CA ALA A 127 -10.13 -25.76 33.00
C ALA A 127 -10.75 -24.40 32.73
N ARG A 128 -10.39 -23.81 31.59
CA ARG A 128 -10.97 -22.50 31.23
C ARG A 128 -12.49 -22.56 31.05
N ALA A 129 -12.99 -23.71 30.63
CA ALA A 129 -14.40 -23.94 30.40
C ALA A 129 -15.16 -24.43 31.60
N GLY A 130 -14.49 -24.65 32.75
CA GLY A 130 -15.19 -25.18 33.90
C GLY A 130 -15.58 -26.64 33.79
N LEU A 131 -14.84 -27.38 32.93
CA LEU A 131 -15.19 -28.75 32.59
C LEU A 131 -14.12 -29.77 33.02
N THR A 132 -13.21 -29.38 33.91
CA THR A 132 -12.27 -30.33 34.44
C THR A 132 -13.03 -31.42 35.20
N ASN A 133 -12.72 -32.68 34.88
CA ASN A 133 -13.35 -33.81 35.49
C ASN A 133 -14.86 -33.85 35.32
N ALA A 134 -15.39 -33.21 34.27
CA ALA A 134 -16.84 -33.20 34.07
C ALA A 134 -17.39 -34.58 33.83
N PRO A 135 -18.54 -34.88 34.44
CA PRO A 135 -19.27 -36.08 34.05
C PRO A 135 -19.56 -36.14 32.55
N GLU A 136 -19.71 -37.35 31.99
CA GLU A 136 -19.98 -37.50 30.55
C GLU A 136 -21.28 -36.77 30.15
N GLU A 137 -22.30 -36.82 31.00
CA GLU A 137 -23.57 -36.14 30.75
C GLU A 137 -23.34 -34.64 30.51
N LEU A 138 -22.50 -34.04 31.36
CA LEU A 138 -22.28 -32.65 31.28
C LEU A 138 -21.42 -32.36 30.06
N ARG A 139 -20.40 -33.17 29.78
CA ARG A 139 -19.57 -32.97 28.59
C ARG A 139 -20.40 -32.91 27.32
N ASN A 140 -21.33 -33.84 27.20
CA ASN A 140 -22.19 -33.93 26.03
C ASN A 140 -23.13 -32.71 25.95
N ARG A 141 -23.76 -32.37 27.07
CA ARG A 141 -24.69 -31.22 27.08
C ARG A 141 -23.91 -29.95 26.74
N ALA A 142 -22.69 -29.83 27.26
CA ALA A 142 -21.90 -28.65 27.02
C ALA A 142 -21.55 -28.58 25.52
N ARG A 143 -21.13 -29.72 24.96
CA ARG A 143 -20.82 -29.72 23.53
C ARG A 143 -22.02 -29.30 22.65
N LEU A 144 -23.18 -29.80 22.98
CA LEU A 144 -24.40 -29.47 22.24
C LEU A 144 -24.70 -28.00 22.38
N ALA A 145 -24.44 -27.46 23.57
CA ALA A 145 -24.66 -26.03 23.79
C ALA A 145 -23.81 -25.17 22.91
N LEU A 146 -22.64 -25.67 22.53
CA LEU A 146 -21.74 -24.97 21.68
C LEU A 146 -22.26 -24.86 20.26
N ILE A 147 -23.22 -25.71 19.86
CA ILE A 147 -23.62 -25.75 18.43
C ILE A 147 -24.04 -24.36 17.90
N PRO A 148 -24.97 -23.66 18.54
CA PRO A 148 -25.37 -22.37 18.01
C PRO A 148 -24.30 -21.31 18.11
N LEU A 149 -23.50 -21.42 19.15
CA LEU A 149 -22.38 -20.49 19.34
C LEU A 149 -21.37 -20.62 18.22
N LEU A 150 -21.00 -21.85 17.91
CA LEU A 150 -20.06 -22.10 16.84
C LEU A 150 -20.66 -21.71 15.50
N ALA A 151 -21.96 -21.93 15.33
CA ALA A 151 -22.57 -21.59 14.06
C ALA A 151 -22.60 -20.06 13.87
N GLN A 152 -22.81 -19.30 14.94
CA GLN A 152 -22.81 -17.85 14.87
C GLN A 152 -21.36 -17.37 14.59
N ALA A 153 -20.38 -17.97 15.27
CA ALA A 153 -18.98 -17.56 15.13
C ALA A 153 -18.38 -17.88 13.75
N GLU A 154 -18.89 -18.94 13.11
CA GLU A 154 -18.27 -19.42 11.88
C GLU A 154 -18.16 -18.32 10.83
N GLN A 155 -19.28 -17.65 10.55
CA GLN A 155 -19.20 -16.66 9.44
C GLN A 155 -18.38 -15.42 9.82
N ILE A 156 -18.35 -15.11 11.11
CA ILE A 156 -17.52 -14.02 11.64
C ILE A 156 -16.03 -14.36 11.45
N ARG A 157 -15.65 -15.58 11.84
CA ARG A 157 -14.30 -16.05 11.64
C ARG A 157 -13.97 -16.13 10.15
N ASP A 158 -14.89 -16.61 9.32
CA ASP A 158 -14.58 -16.74 7.90
C ASP A 158 -14.40 -15.35 7.26
N ARG A 159 -15.20 -14.34 7.69
CA ARG A 159 -15.00 -12.99 7.19
C ARG A 159 -13.61 -12.46 7.61
N LEU A 160 -13.26 -12.67 8.86
CA LEU A 160 -11.95 -12.21 9.35
C LEU A 160 -10.79 -12.86 8.56
N SER A 161 -10.92 -14.14 8.27
CA SER A 161 -9.88 -14.86 7.53
C SER A 161 -9.83 -14.31 6.08
N GLU A 162 -10.98 -14.01 5.50
CA GLU A 162 -11.05 -13.37 4.15
C GLU A 162 -10.38 -12.01 4.12
N ILE A 163 -10.65 -11.16 5.10
CA ILE A 163 -9.95 -9.88 5.25
C ILE A 163 -8.46 -10.02 5.32
N GLN A 164 -8.03 -10.94 6.14
CA GLN A 164 -6.62 -11.18 6.26
C GLN A 164 -6.02 -11.48 4.88
N LYS A 165 -6.65 -12.39 4.14
CA LYS A 165 -6.09 -12.78 2.86
C LYS A 165 -6.12 -11.62 1.86
N GLN A 166 -7.21 -10.87 1.83
CA GLN A 166 -7.38 -9.76 0.88
C GLN A 166 -6.46 -8.62 1.04
N ASN A 167 -5.90 -8.48 2.23
CA ASN A 167 -5.10 -7.30 2.55
C ASN A 167 -3.63 -7.71 2.82
N GLU A 168 -3.24 -8.96 2.55
CA GLU A 168 -1.93 -9.46 2.92
C GLU A 168 -0.80 -8.79 2.13
N ASP A 169 -1.08 -8.14 1.00
CA ASP A 169 -0.07 -7.34 0.29
C ASP A 169 0.02 -5.88 0.60
N THR A 170 -0.79 -5.43 1.54
CA THR A 170 -0.70 -4.07 2.02
C THR A 170 0.29 -4.16 3.17
N THR A 171 1.55 -4.00 2.81
CA THR A 171 2.64 -4.11 3.76
C THR A 171 3.56 -2.90 3.63
N PRO A 172 4.29 -2.58 4.69
CA PRO A 172 5.26 -1.50 4.56
C PRO A 172 6.25 -1.71 3.46
N THR A 173 6.68 -2.94 3.28
CA THR A 173 7.65 -3.26 2.20
C THR A 173 7.05 -3.03 0.80
N ALA A 174 5.89 -3.59 0.55
CA ALA A 174 5.27 -3.47 -0.75
C ALA A 174 4.98 -2.00 -1.08
N ILE A 175 4.52 -1.27 -0.08
CA ILE A 175 4.24 0.16 -0.28
C ILE A 175 5.53 0.89 -0.63
N ALA A 176 6.58 0.63 0.16
CA ALA A 176 7.89 1.29 -0.08
C ALA A 176 8.41 1.01 -1.50
N LYS A 177 8.31 -0.23 -1.96
CA LYS A 177 8.79 -0.56 -3.30
C LYS A 177 7.97 0.20 -4.37
N ALA A 178 6.65 0.20 -4.23
CA ALA A 178 5.82 0.87 -5.25
C ALA A 178 6.12 2.37 -5.27
N LEU A 179 6.28 2.98 -4.08
CA LEU A 179 6.57 4.40 -4.02
C LEU A 179 7.99 4.70 -4.52
N ASN A 180 8.94 3.80 -4.31
CA ASN A 180 10.28 3.98 -4.92
C ASN A 180 10.25 3.82 -6.45
N LYS A 181 9.37 2.99 -6.97
CA LYS A 181 9.16 2.96 -8.43
C LYS A 181 8.61 4.29 -8.88
N ALA A 182 7.68 4.85 -8.14
CA ALA A 182 7.10 6.12 -8.50
C ALA A 182 8.12 7.23 -8.49
N VAL A 183 8.91 7.30 -7.43
CA VAL A 183 9.79 8.47 -7.30
C VAL A 183 11.06 8.32 -8.15
N TYR A 184 11.70 7.13 -8.09
CA TYR A 184 13.03 6.92 -8.67
C TYR A 184 13.07 5.81 -9.72
N GLY A 185 11.93 5.16 -9.99
CA GLY A 185 11.93 4.07 -10.93
C GLY A 185 12.72 2.85 -10.52
N GLN A 186 12.84 2.65 -9.21
CA GLN A 186 13.65 1.56 -8.63
C GLN A 186 12.74 0.74 -7.74
N ASP A 187 12.50 -0.54 -8.12
CA ASP A 187 11.56 -1.42 -7.45
C ASP A 187 12.26 -2.11 -6.30
N LYS A 188 12.53 -1.33 -5.26
CA LYS A 188 13.23 -1.79 -4.08
C LYS A 188 12.79 -1.05 -2.87
N GLU A 189 12.93 -1.68 -1.70
CA GLU A 189 12.36 -1.14 -0.49
C GLU A 189 13.08 0.09 0.08
N THR A 190 14.38 0.08 -0.07
CA THR A 190 15.20 1.16 0.46
C THR A 190 16.42 1.35 -0.40
N GLY A 191 17.14 2.43 -0.16
CA GLY A 191 18.33 2.65 -0.99
C GLY A 191 18.04 3.22 -2.36
N ALA A 192 16.81 3.66 -2.59
CA ALA A 192 16.52 4.26 -3.89
C ALA A 192 17.18 5.62 -3.99
N VAL A 193 17.76 5.88 -5.16
CA VAL A 193 18.52 7.10 -5.43
C VAL A 193 18.28 7.53 -6.88
N TYR A 194 18.57 8.79 -7.18
CA TYR A 194 18.50 9.27 -8.53
C TYR A 194 19.49 8.49 -9.42
N ASN A 195 18.98 7.99 -10.56
CA ASN A 195 19.80 7.39 -11.59
C ASN A 195 19.02 7.59 -12.87
N SER A 196 19.57 8.30 -13.83
CA SER A 196 18.80 8.57 -15.05
C SER A 196 18.33 7.33 -15.78
N ALA A 197 19.12 6.23 -15.68
CA ALA A 197 18.70 4.97 -16.33
C ALA A 197 17.35 4.44 -15.84
N ASP A 198 17.01 4.78 -14.59
CA ASP A 198 15.76 4.40 -13.95
C ASP A 198 14.71 5.50 -13.89
N CYS A 199 15.16 6.73 -13.70
CA CYS A 199 14.25 7.88 -13.54
C CYS A 199 13.55 8.22 -14.85
N PHE A 200 14.29 8.12 -15.96
CA PHE A 200 13.69 8.29 -17.28
C PHE A 200 13.57 6.89 -17.90
N SER A 201 12.45 6.64 -18.52
CA SER A 201 12.17 5.34 -19.07
C SER A 201 13.15 5.04 -20.23
N GLY A 202 14.07 4.09 -20.04
CA GLY A 202 15.11 3.83 -21.03
C GLY A 202 16.20 4.87 -21.03
N ASN A 203 16.42 5.58 -19.90
CA ASN A 203 17.44 6.63 -19.81
C ASN A 203 17.01 7.87 -20.55
N VAL A 204 17.83 8.92 -20.44
CA VAL A 204 17.49 10.17 -21.13
C VAL A 204 17.51 10.01 -22.66
N ALA A 205 16.66 10.78 -23.32
CA ALA A 205 16.58 10.82 -24.75
C ALA A 205 17.69 11.62 -25.36
N ASP A 206 17.73 11.62 -26.70
CA ASP A 206 18.68 12.46 -27.41
C ASP A 206 18.63 13.94 -27.07
N SER A 207 17.44 14.43 -26.71
CA SER A 207 17.30 15.86 -26.38
C SER A 207 16.44 16.05 -25.13
N THR A 208 16.67 17.15 -24.43
CA THR A 208 15.83 17.46 -23.25
C THR A 208 14.36 17.48 -23.63
N GLN A 209 14.02 18.10 -24.76
CA GLN A 209 12.65 18.20 -25.21
C GLN A 209 12.01 16.85 -25.28
N ASN A 210 12.74 15.86 -25.77
CA ASN A 210 12.18 14.53 -25.83
C ASN A 210 12.19 13.80 -24.49
N SER A 211 13.19 14.05 -23.63
CA SER A 211 13.19 13.44 -22.32
C SER A 211 12.04 13.95 -21.43
N CYS A 212 11.65 15.20 -21.65
CA CYS A 212 10.66 15.83 -20.79
C CYS A 212 9.25 15.76 -21.33
N LYS A 213 8.93 14.59 -21.83
CA LYS A 213 7.59 14.26 -22.32
C LYS A 213 7.07 13.05 -21.54
N ALA A 214 5.77 13.01 -21.30
CA ALA A 214 5.11 11.86 -20.67
C ALA A 214 3.69 11.71 -21.21
N GLY A 215 3.18 10.48 -21.14
CA GLY A 215 1.82 10.13 -21.61
C GLY A 215 1.70 9.84 -23.10
N ASN A 216 2.82 9.93 -23.85
CA ASN A 216 2.90 9.94 -25.34
C ASN A 216 3.50 8.66 -25.86
N GLN A 217 3.62 8.51 -27.18
CA GLN A 217 4.12 7.26 -27.74
C GLN A 217 5.53 6.85 -27.23
N ALA A 218 6.43 7.84 -27.05
CA ALA A 218 7.78 7.63 -26.49
C ALA A 218 7.89 8.38 -25.15
N SER A 219 7.10 7.92 -24.20
CA SER A 219 7.00 8.56 -22.87
C SER A 219 8.28 8.29 -22.07
N LYS A 220 8.87 9.35 -21.58
CA LYS A 220 10.16 9.32 -20.91
C LYS A 220 10.11 9.75 -19.43
N ALA A 221 9.38 10.82 -19.14
CA ALA A 221 9.44 11.41 -17.78
C ALA A 221 8.42 10.76 -16.89
N THR A 222 8.74 9.51 -16.51
CA THR A 222 7.75 8.59 -15.95
C THR A 222 7.88 8.40 -14.44
N THR A 223 8.76 9.18 -13.80
CA THR A 223 8.95 9.17 -12.38
C THR A 223 8.84 10.61 -11.83
N VAL A 224 8.63 10.72 -10.53
CA VAL A 224 8.63 12.03 -9.88
C VAL A 224 10.02 12.68 -10.03
N ALA A 225 11.09 11.89 -9.88
CA ALA A 225 12.40 12.49 -10.00
C ALA A 225 12.66 13.04 -11.41
N ALA A 226 12.26 12.31 -12.45
CA ALA A 226 12.41 12.86 -13.80
C ALA A 226 11.58 14.15 -13.95
N THR A 227 10.39 14.17 -13.33
CA THR A 227 9.59 15.37 -13.39
C THR A 227 10.30 16.57 -12.75
N ILE A 228 10.89 16.34 -11.61
CA ILE A 228 11.72 17.37 -10.94
C ILE A 228 12.89 17.84 -11.77
N VAL A 229 13.61 16.90 -12.38
CA VAL A 229 14.65 17.30 -13.33
C VAL A 229 14.11 18.20 -14.42
N CYS A 230 13.04 17.75 -15.06
CA CYS A 230 12.48 18.55 -16.13
C CYS A 230 12.02 19.94 -15.71
N VAL A 231 11.39 20.04 -14.54
CA VAL A 231 10.81 21.27 -14.03
C VAL A 231 11.84 22.20 -13.39
N CYS A 232 13.01 21.67 -13.01
CA CYS A 232 13.95 22.43 -12.16
C CYS A 232 15.40 22.51 -12.63
N HIS A 233 15.81 21.72 -13.60
CA HIS A 233 17.23 21.64 -13.92
C HIS A 233 17.78 22.96 -14.48
N LYS A 234 19.09 23.08 -14.22
CA LYS A 234 19.97 24.08 -14.84
C LYS A 234 20.73 23.45 -15.99
N LYS A 235 20.36 23.81 -17.22
CA LYS A 235 21.08 23.27 -18.36
C LYS A 235 22.45 23.94 -18.46
N ASN A 236 23.38 23.24 -19.12
CA ASN A 236 24.68 23.89 -19.38
C ASN A 236 24.56 24.80 -20.61
N GLY A 237 25.59 25.57 -20.85
CA GLY A 237 25.67 26.33 -22.09
C GLY A 237 25.04 27.69 -22.07
N GLY A 238 24.60 28.16 -20.92
CA GLY A 238 23.96 29.49 -20.84
C GLY A 238 22.47 29.47 -21.17
N ASN A 239 21.82 30.61 -20.93
CA ASN A 239 20.42 30.80 -21.21
C ASN A 239 19.58 29.76 -20.48
N ASP A 240 20.06 29.35 -19.31
CA ASP A 240 19.39 28.39 -18.46
C ASP A 240 18.37 29.09 -17.55
N ALA A 241 17.62 28.26 -16.84
CA ALA A 241 16.61 28.75 -15.89
C ALA A 241 16.97 28.28 -14.46
N ALA A 242 18.23 28.37 -14.08
CA ALA A 242 18.67 28.04 -12.73
C ALA A 242 17.78 28.73 -11.70
N ASN A 243 17.48 28.00 -10.65
CA ASN A 243 16.71 28.52 -9.52
C ASN A 243 15.24 28.75 -9.82
N ALA A 244 14.76 28.20 -10.93
CA ALA A 244 13.32 28.24 -11.23
C ALA A 244 12.52 27.61 -10.10
N CYS A 245 13.12 26.59 -9.47
CA CYS A 245 12.40 25.87 -8.39
C CYS A 245 12.64 26.44 -6.99
N GLY A 246 13.45 27.51 -6.92
CA GLY A 246 13.65 28.23 -5.70
C GLY A 246 15.05 28.81 -5.63
N ARG A 247 15.15 29.98 -5.02
CA ARG A 247 16.42 30.69 -4.88
C ARG A 247 17.40 30.08 -3.87
N LEU A 248 16.95 29.15 -3.02
CA LEU A 248 17.84 28.54 -2.08
C LEU A 248 18.60 27.33 -2.64
N ILE A 249 18.22 26.85 -3.84
CA ILE A 249 19.02 25.83 -4.50
C ILE A 249 20.41 26.36 -4.80
N ASN A 250 21.40 25.58 -4.42
CA ASN A 250 22.79 25.85 -4.81
C ASN A 250 23.12 24.98 -6.04
N HIS A 251 22.85 25.48 -7.25
CA HIS A 251 23.17 24.70 -8.45
C HIS A 251 24.71 24.81 -8.61
N GLN A 252 25.43 23.86 -8.04
CA GLN A 252 26.90 23.87 -8.02
C GLN A 252 27.53 23.46 -9.35
N SER A 253 26.75 22.78 -10.18
CA SER A 253 27.15 22.25 -11.46
C SER A 253 25.99 22.59 -12.43
N ASP A 254 25.59 21.63 -13.24
CA ASP A 254 24.46 21.78 -14.13
C ASP A 254 24.11 20.38 -14.57
N ALA A 255 23.07 20.26 -15.41
CA ALA A 255 22.59 18.99 -15.87
C ALA A 255 23.27 18.53 -17.14
N GLY A 256 24.31 19.25 -17.57
CA GLY A 256 24.96 18.92 -18.82
C GLY A 256 24.16 19.46 -19.98
N ALA A 257 24.52 18.98 -21.15
CA ALA A 257 23.70 19.19 -22.33
C ALA A 257 22.73 18.05 -22.53
N ASN A 258 21.47 18.39 -22.76
CA ASN A 258 20.48 17.37 -22.94
C ASN A 258 20.42 16.35 -21.80
N LEU A 259 20.54 16.90 -20.59
CA LEU A 259 20.46 16.10 -19.36
C LEU A 259 21.51 15.03 -19.23
N ALA A 260 22.64 15.16 -19.93
CA ALA A 260 23.64 14.10 -19.91
C ALA A 260 24.21 13.85 -18.53
N THR A 261 24.22 14.88 -17.69
CA THR A 261 24.76 14.72 -16.31
C THR A 261 23.75 15.31 -15.29
N ALA A 262 22.49 14.93 -15.48
CA ALA A 262 21.40 15.42 -14.65
C ALA A 262 21.57 15.08 -13.16
N SER A 263 22.22 13.97 -12.85
CA SER A 263 22.32 13.51 -11.46
C SER A 263 22.93 14.52 -10.50
N SER A 264 24.03 15.16 -10.86
CA SER A 264 24.64 16.10 -9.95
C SER A 264 23.66 17.26 -9.66
N ASP A 265 23.02 17.76 -10.69
CA ASP A 265 22.11 18.89 -10.59
C ASP A 265 20.86 18.50 -9.77
N PHE A 266 20.33 17.32 -9.99
CA PHE A 266 19.19 16.82 -9.24
C PHE A 266 19.55 16.79 -7.75
N GLY A 267 20.77 16.35 -7.46
CA GLY A 267 21.19 16.35 -6.07
C GLY A 267 21.09 17.70 -5.40
N ASP A 268 21.47 18.74 -6.12
CA ASP A 268 21.42 20.07 -5.53
C ASP A 268 19.96 20.52 -5.35
N ILE A 269 19.13 20.22 -6.32
CA ILE A 269 17.70 20.57 -6.24
C ILE A 269 17.02 19.87 -5.07
N ILE A 270 17.17 18.55 -4.98
CA ILE A 270 16.46 17.78 -3.99
C ILE A 270 17.00 18.04 -2.58
N ALA A 271 18.23 18.55 -2.51
CA ALA A 271 18.81 18.96 -1.24
C ALA A 271 17.99 20.00 -0.50
N THR A 272 17.16 20.75 -1.22
CA THR A 272 16.38 21.82 -0.62
C THR A 272 15.03 21.35 -0.07
N CYS A 273 14.69 20.08 -0.30
CA CYS A 273 13.38 19.52 0.00
C CYS A 273 13.47 18.83 1.36
N ALA A 274 12.53 19.18 2.23
CA ALA A 274 12.39 18.78 3.61
C ALA A 274 11.09 17.99 3.92
N ALA A 275 10.28 17.70 2.92
CA ALA A 275 8.89 17.28 3.13
C ALA A 275 8.86 15.96 3.78
N ARG A 276 7.82 15.78 4.62
CA ARG A 276 7.53 14.50 5.21
C ARG A 276 6.05 14.26 5.12
N PRO A 277 5.64 13.07 4.67
CA PRO A 277 4.22 12.78 4.69
C PRO A 277 3.75 12.42 6.11
N PRO A 278 2.44 12.51 6.36
CA PRO A 278 1.93 12.06 7.65
C PRO A 278 2.12 10.57 7.83
N LYS A 279 2.25 10.17 9.09
CA LYS A 279 2.43 8.78 9.45
C LYS A 279 1.36 8.37 10.41
N PRO A 280 0.72 7.19 10.20
CA PRO A 280 0.91 6.27 9.09
C PRO A 280 0.44 6.93 7.82
N LEU A 281 0.99 6.50 6.70
CA LEU A 281 0.55 7.01 5.43
C LEU A 281 -0.92 6.62 5.19
N THR A 282 -1.71 7.56 4.65
CA THR A 282 -3.11 7.32 4.37
C THR A 282 -3.43 7.43 2.89
N ALA A 283 -4.48 6.74 2.46
CA ALA A 283 -5.03 6.93 1.10
C ALA A 283 -5.38 8.39 0.87
N ALA A 284 -6.02 9.02 1.87
CA ALA A 284 -6.49 10.41 1.70
C ALA A 284 -5.33 11.32 1.35
N TYR A 285 -4.19 11.14 2.01
CA TYR A 285 -3.04 12.04 1.79
C TYR A 285 -2.53 11.85 0.34
N LEU A 286 -2.38 10.59 -0.06
CA LEU A 286 -1.92 10.27 -1.40
C LEU A 286 -2.86 10.80 -2.45
N ASP A 287 -4.14 10.59 -2.24
CA ASP A 287 -5.13 11.11 -3.16
C ASP A 287 -5.08 12.64 -3.23
N SER A 288 -4.86 13.31 -2.09
CA SER A 288 -4.82 14.74 -2.09
C SER A 288 -3.60 15.26 -2.85
N ALA A 289 -2.50 14.51 -2.78
CA ALA A 289 -1.27 14.91 -3.46
C ALA A 289 -1.47 14.77 -4.98
N LEU A 290 -2.05 13.66 -5.43
CA LEU A 290 -2.31 13.49 -6.88
C LEU A 290 -3.32 14.54 -7.39
N ALA A 291 -4.31 14.83 -6.56
CA ALA A 291 -5.32 15.86 -6.94
C ALA A 291 -4.62 17.22 -7.06
N ALA A 292 -3.70 17.53 -6.14
CA ALA A 292 -2.95 18.81 -6.16
C ALA A 292 -2.15 18.98 -7.43
N VAL A 293 -1.50 17.91 -7.89
CA VAL A 293 -0.76 17.94 -9.17
C VAL A 293 -1.72 18.15 -10.33
N SER A 294 -2.83 17.40 -10.36
CA SER A 294 -3.77 17.50 -11.43
C SER A 294 -4.28 18.93 -11.54
N ALA A 295 -4.45 19.64 -10.41
CA ALA A 295 -4.96 20.99 -10.46
C ALA A 295 -3.96 22.02 -10.92
N ARG A 296 -2.69 21.63 -11.05
CA ARG A 296 -1.62 22.48 -11.51
C ARG A 296 -1.26 22.33 -13.00
N ILE A 297 -1.63 21.20 -13.59
CA ILE A 297 -1.32 20.97 -14.98
C ILE A 297 -2.17 21.94 -15.81
N ARG A 298 -1.52 22.57 -16.79
CA ARG A 298 -2.21 23.55 -17.60
C ARG A 298 -2.18 23.12 -19.03
N PHE A 299 -3.34 23.25 -19.66
CA PHE A 299 -3.51 22.82 -21.06
C PHE A 299 -3.32 23.98 -22.01
N LYS A 300 -2.52 23.77 -23.06
CA LYS A 300 -2.28 24.74 -24.14
C LYS A 300 -1.89 23.98 -25.40
N ASN A 301 -2.48 24.39 -26.53
CA ASN A 301 -2.08 23.89 -27.85
C ASN A 301 -2.19 22.35 -27.95
N GLY A 302 -3.12 21.75 -27.22
CA GLY A 302 -3.38 20.32 -27.33
C GLY A 302 -2.57 19.43 -26.41
N ASN A 303 -1.72 20.03 -25.58
CA ASN A 303 -0.89 19.29 -24.63
C ASN A 303 -1.20 19.81 -23.24
N GLY A 304 -0.77 19.09 -22.23
CA GLY A 304 -0.68 19.61 -20.88
C GLY A 304 0.73 19.89 -20.47
N TYR A 305 0.91 20.79 -19.50
CA TYR A 305 2.26 21.18 -19.04
C TYR A 305 2.24 21.28 -17.51
N LEU A 306 3.29 20.74 -16.90
CA LEU A 306 3.63 21.04 -15.51
C LEU A 306 4.92 21.80 -15.53
N GLY A 307 4.96 22.98 -14.92
CA GLY A 307 6.05 23.89 -15.01
C GLY A 307 5.79 24.91 -16.08
N LYS A 308 6.62 25.93 -16.05
CA LYS A 308 6.46 27.05 -16.98
C LYS A 308 6.84 26.73 -18.40
N PHE A 309 5.87 26.92 -19.30
CA PHE A 309 6.04 26.70 -20.71
C PHE A 309 5.78 28.02 -21.44
N LYS A 310 6.73 28.47 -22.27
CA LYS A 310 6.57 29.66 -23.13
C LYS A 310 6.39 29.29 -24.58
N ALA A 311 7.30 28.47 -25.14
CA ALA A 311 7.27 28.16 -26.53
C ALA A 311 8.21 27.01 -26.82
N THR A 312 7.88 26.30 -27.90
CA THR A 312 8.74 25.32 -28.56
C THR A 312 8.73 23.97 -27.87
N GLY A 313 9.17 23.95 -26.63
CA GLY A 313 9.09 22.75 -25.84
C GLY A 313 9.75 22.92 -24.49
N CYS A 314 9.78 21.83 -23.78
CA CYS A 314 10.30 21.78 -22.43
C CYS A 314 11.81 21.43 -22.53
N THR A 315 12.59 22.43 -22.93
CA THR A 315 13.98 22.21 -23.34
C THR A 315 15.00 22.61 -22.29
N GLY A 316 14.53 23.28 -21.24
CA GLY A 316 15.43 23.84 -20.25
C GLY A 316 16.01 25.20 -20.57
N SER A 317 15.67 25.71 -21.73
CA SER A 317 16.08 27.04 -22.12
C SER A 317 15.08 28.05 -21.59
N ALA A 318 15.60 29.16 -21.08
CA ALA A 318 14.75 30.15 -20.38
C ALA A 318 13.66 30.73 -21.27
N SER A 319 13.92 30.87 -22.59
CA SER A 319 12.91 31.43 -23.50
C SER A 319 11.93 30.40 -24.06
N GLU A 320 12.09 29.15 -23.64
CA GLU A 320 11.28 28.06 -24.19
C GLU A 320 10.40 27.40 -23.11
N GLY A 321 11.01 26.70 -22.17
CA GLY A 321 10.26 26.12 -21.09
C GLY A 321 11.14 25.30 -20.16
N LEU A 322 10.65 25.15 -18.94
CA LEU A 322 11.25 24.25 -17.96
C LEU A 322 10.06 23.53 -17.36
N CYS A 323 9.78 22.37 -17.91
CA CYS A 323 8.49 21.73 -17.74
C CYS A 323 8.52 20.27 -18.15
N VAL A 324 7.44 19.58 -17.83
CA VAL A 324 7.10 18.35 -18.49
C VAL A 324 5.96 18.62 -19.45
N GLU A 325 6.10 18.12 -20.68
CA GLU A 325 5.07 18.19 -21.69
C GLU A 325 4.30 16.88 -21.67
N TYR A 326 3.02 16.96 -21.28
CA TYR A 326 2.11 15.79 -21.34
C TYR A 326 1.48 15.80 -22.72
N THR A 327 2.26 15.24 -23.66
CA THR A 327 1.96 15.35 -25.07
C THR A 327 0.54 14.79 -25.32
N ALA A 328 -0.25 15.60 -26.02
CA ALA A 328 -1.63 15.27 -26.40
C ALA A 328 -2.60 15.07 -25.24
N LEU A 329 -2.18 15.42 -24.05
CA LEU A 329 -3.12 15.41 -22.92
C LEU A 329 -4.11 16.54 -23.04
N THR A 330 -5.40 16.20 -22.83
CA THR A 330 -6.49 17.12 -22.89
C THR A 330 -7.49 16.80 -21.77
N ALA A 331 -8.45 17.68 -21.53
CA ALA A 331 -9.47 17.40 -20.47
C ALA A 331 -10.18 16.05 -20.61
N ALA A 332 -10.60 15.73 -21.81
CA ALA A 332 -11.36 14.50 -22.07
C ALA A 332 -10.46 13.29 -22.03
N THR A 333 -9.13 13.49 -22.12
CA THR A 333 -8.19 12.38 -22.06
C THR A 333 -7.37 12.38 -20.80
N MET A 334 -7.85 13.07 -19.77
CA MET A 334 -7.09 13.16 -18.54
C MET A 334 -6.86 11.83 -17.87
N GLN A 335 -7.72 10.85 -18.10
CA GLN A 335 -7.42 9.51 -17.61
C GLN A 335 -6.02 9.05 -17.97
N ASN A 336 -5.46 9.50 -19.10
CA ASN A 336 -4.12 9.13 -19.51
C ASN A 336 -3.04 9.62 -18.54
N PHE A 337 -3.30 10.71 -17.83
CA PHE A 337 -2.36 11.16 -16.80
C PHE A 337 -2.22 10.09 -15.73
N TYR A 338 -3.33 9.47 -15.39
CA TYR A 338 -3.36 8.48 -14.35
C TYR A 338 -2.76 7.13 -14.75
N LYS A 339 -2.44 6.96 -16.03
CA LYS A 339 -1.75 5.77 -16.52
C LYS A 339 -0.21 5.98 -16.56
N ILE A 340 0.26 7.19 -16.35
CA ILE A 340 1.69 7.44 -16.33
C ILE A 340 2.28 6.68 -15.14
N PRO A 341 3.40 5.98 -15.32
CA PRO A 341 3.85 5.07 -14.28
C PRO A 341 3.88 5.63 -12.87
N TRP A 342 4.43 6.80 -12.63
CA TRP A 342 4.46 7.26 -11.22
C TRP A 342 3.09 7.52 -10.63
N VAL A 343 2.20 8.02 -11.47
CA VAL A 343 0.85 8.31 -11.06
C VAL A 343 0.10 7.01 -10.74
N LYS A 344 0.24 6.04 -11.62
CA LYS A 344 -0.37 4.70 -11.42
C LYS A 344 0.15 4.03 -10.17
N GLU A 345 1.47 4.10 -9.92
CA GLU A 345 2.01 3.46 -8.74
C GLU A 345 1.44 4.07 -7.48
N ILE A 346 1.42 5.39 -7.42
CA ILE A 346 0.87 6.05 -6.21
C ILE A 346 -0.62 5.75 -6.09
N SER A 347 -1.34 5.76 -7.19
CA SER A 347 -2.77 5.42 -7.18
C SER A 347 -2.98 4.00 -6.65
N ASN A 348 -2.15 3.04 -7.07
CA ASN A 348 -2.27 1.66 -6.60
C ASN A 348 -2.08 1.59 -5.08
N VAL A 349 -1.08 2.29 -4.60
CA VAL A 349 -0.84 2.33 -3.17
C VAL A 349 -2.07 2.93 -2.45
N ALA A 350 -2.58 4.02 -2.95
CA ALA A 350 -3.74 4.64 -2.30
C ALA A 350 -4.95 3.68 -2.30
N GLU A 351 -5.21 3.02 -3.42
CA GLU A 351 -6.32 2.09 -3.49
C GLU A 351 -6.16 0.93 -2.50
N ALA A 352 -4.92 0.43 -2.35
CA ALA A 352 -4.65 -0.62 -1.37
C ALA A 352 -4.90 -0.13 0.04
N LEU A 353 -4.37 1.04 0.35
CA LEU A 353 -4.57 1.62 1.69
C LEU A 353 -6.04 1.94 1.97
N LYS A 354 -6.79 2.38 0.97
CA LYS A 354 -8.20 2.70 1.16
C LYS A 354 -8.97 1.50 1.63
N ARG A 355 -8.70 0.34 1.00
CA ARG A 355 -9.31 -0.91 1.38
C ARG A 355 -8.86 -1.37 2.79
N THR A 356 -7.56 -1.35 3.02
CA THR A 356 -7.01 -1.86 4.24
C THR A 356 -7.45 -1.00 5.47
N GLU A 357 -7.57 0.30 5.29
CA GLU A 357 -8.06 1.16 6.35
C GLU A 357 -9.44 0.66 6.81
N LYS A 358 -10.33 0.42 5.86
CA LYS A 358 -11.68 0.00 6.21
C LYS A 358 -11.67 -1.41 6.81
N ASP A 359 -10.92 -2.32 6.19
CA ASP A 359 -10.91 -3.69 6.65
C ASP A 359 -10.27 -3.82 8.04
N ALA A 360 -9.28 -2.97 8.33
CA ALA A 360 -8.70 -2.93 9.65
C ALA A 360 -9.74 -2.54 10.72
N ALA A 361 -10.51 -1.51 10.41
CA ALA A 361 -11.56 -1.07 11.37
C ALA A 361 -12.61 -2.20 11.55
N GLU A 362 -12.97 -2.88 10.47
CA GLU A 362 -13.93 -3.99 10.57
C GLU A 362 -13.33 -5.11 11.45
N SER A 363 -12.06 -5.45 11.23
CA SER A 363 -11.42 -6.56 11.94
C SER A 363 -11.36 -6.37 13.46
N THR A 364 -11.28 -5.13 13.92
CA THR A 364 -11.28 -4.81 15.35
C THR A 364 -12.54 -5.40 15.99
N LEU A 365 -13.68 -5.15 15.35
CA LEU A 365 -14.96 -5.64 15.89
C LEU A 365 -15.11 -7.16 15.71
N LEU A 366 -14.70 -7.69 14.56
CA LEU A 366 -14.81 -9.13 14.34
C LEU A 366 -14.04 -9.85 15.44
N SER A 367 -12.83 -9.40 15.71
CA SER A 367 -12.01 -10.04 16.73
C SER A 367 -12.58 -9.91 18.14
N THR A 368 -13.07 -8.72 18.46
CA THR A 368 -13.67 -8.56 19.79
C THR A 368 -14.87 -9.53 19.94
N TRP A 369 -15.70 -9.63 18.89
CA TRP A 369 -16.82 -10.51 18.94
C TRP A 369 -16.39 -11.99 19.12
N LEU A 370 -15.35 -12.41 18.43
CA LEU A 370 -14.88 -13.79 18.52
C LEU A 370 -14.31 -14.09 19.90
N LYS A 371 -13.60 -13.13 20.48
CA LYS A 371 -13.13 -13.29 21.85
C LYS A 371 -14.29 -13.39 22.84
N ALA A 372 -15.36 -12.65 22.60
CA ALA A 372 -16.56 -12.72 23.41
C ALA A 372 -17.26 -14.08 23.27
N SER A 373 -17.25 -14.63 22.06
CA SER A 373 -17.83 -15.97 21.84
C SER A 373 -17.03 -17.02 22.62
N GLU A 374 -15.71 -16.88 22.60
CA GLU A 374 -14.87 -17.76 23.40
C GLU A 374 -15.23 -17.70 24.88
N ASN A 375 -15.43 -16.49 25.38
CA ASN A 375 -15.83 -16.32 26.79
C ASN A 375 -17.20 -16.93 27.04
N GLN A 376 -18.10 -16.77 26.09
CA GLN A 376 -19.42 -17.40 26.22
C GLN A 376 -19.29 -18.94 26.29
N GLY A 377 -18.49 -19.52 25.41
CA GLY A 377 -18.32 -20.98 25.41
C GLY A 377 -17.76 -21.50 26.71
N ASN A 378 -16.92 -20.69 27.35
CA ASN A 378 -16.34 -21.04 28.63
C ASN A 378 -17.33 -20.97 29.78
N SER A 379 -18.50 -20.41 29.54
CA SER A 379 -19.54 -20.24 30.59
C SER A 379 -20.66 -21.22 30.54
N VAL A 380 -20.77 -21.97 29.43
CA VAL A 380 -21.93 -22.81 29.30
C VAL A 380 -22.03 -23.89 30.36
N ALA A 381 -20.88 -24.41 30.83
CA ALA A 381 -20.92 -25.45 31.85
C ALA A 381 -21.56 -24.92 33.11
N GLN A 382 -21.32 -23.64 33.46
CA GLN A 382 -21.93 -23.09 34.68
C GLN A 382 -23.45 -23.12 34.62
N LYS A 383 -23.98 -22.76 33.48
CA LYS A 383 -25.42 -22.85 33.27
C LYS A 383 -25.93 -24.27 33.42
N LEU A 384 -25.24 -25.19 32.76
CA LEU A 384 -25.71 -26.58 32.70
C LEU A 384 -25.61 -27.35 33.99
N ILE A 385 -24.56 -27.09 34.80
CA ILE A 385 -24.42 -27.64 36.15
C ILE A 385 -25.63 -27.19 36.98
N LYS A 386 -25.94 -25.90 36.92
CA LYS A 386 -27.05 -25.32 37.69
C LYS A 386 -28.44 -25.66 37.15
#